data_3LUG
#
_entry.id   3LUG
#
_cell.length_a   40.503
_cell.length_b   47.306
_cell.length_c   66.403
_cell.angle_alpha   86.06
_cell.angle_beta   72.80
_cell.angle_gamma   83.18
#
_symmetry.space_group_name_H-M   'P 1'
#
loop_
_entity.id
_entity.type
_entity.pdbx_description
1 polymer 'Protein argonaute-2'
2 non-polymer 'PHOSPHATE ION'
3 non-polymer "CYTIDINE-5'-MONOPHOSPHATE"
4 water water
#
_entity_poly.entity_id   1
_entity_poly.type   'polypeptide(L)'
_entity_poly.pdbx_seq_one_letter_code
;SNKQFHTGIEIKVWAIACFAPQRQCTEVHLKSFTEQLRKISRDAGMPIQGQPCFCKYAQGADSVEPMFRHLKNTYAGLQL
VVVILPGKTPVYAEVKRVGDTVLGMATQCVQMKNVQRTTPQTLSNLCLKINVKLGGVN
;
_entity_poly.pdbx_strand_id   A,B,C
#
# COMPACT_ATOMS: atom_id res chain seq x y z
N LYS A 3 21.32 -26.59 -21.90
CA LYS A 3 21.30 -26.73 -23.36
C LYS A 3 21.71 -25.42 -24.02
N GLN A 4 21.99 -25.50 -25.33
CA GLN A 4 22.47 -24.33 -26.07
C GLN A 4 21.34 -23.34 -26.40
N PHE A 5 21.71 -22.07 -26.40
CA PHE A 5 20.80 -20.97 -26.75
C PHE A 5 20.48 -20.98 -28.25
N HIS A 6 19.19 -20.90 -28.57
CA HIS A 6 18.74 -20.84 -29.97
C HIS A 6 18.46 -19.42 -30.41
N THR A 7 18.97 -19.06 -31.58
CA THR A 7 18.74 -17.74 -32.14
C THR A 7 17.52 -17.76 -33.06
N GLY A 8 17.08 -16.58 -33.49
CA GLY A 8 16.02 -16.49 -34.46
C GLY A 8 14.62 -16.50 -33.89
N ILE A 9 14.49 -16.64 -32.58
CA ILE A 9 13.19 -16.64 -31.94
C ILE A 9 12.73 -15.20 -31.72
N GLU A 10 11.51 -14.91 -32.18
CA GLU A 10 10.84 -13.64 -31.91
C GLU A 10 9.42 -13.93 -31.42
N ILE A 11 9.13 -13.56 -30.17
CA ILE A 11 7.78 -13.77 -29.61
C ILE A 11 6.88 -12.54 -29.81
N LYS A 12 6.13 -12.54 -30.90
CA LYS A 12 5.22 -11.44 -31.22
C LYS A 12 3.80 -11.61 -30.65
N VAL A 13 3.27 -12.82 -30.69
CA VAL A 13 1.91 -13.04 -30.18
C VAL A 13 1.96 -13.92 -28.94
N TRP A 14 1.66 -13.33 -27.78
CA TRP A 14 1.69 -14.09 -26.55
C TRP A 14 0.69 -13.53 -25.55
N ALA A 15 0.30 -14.37 -24.59
CA ALA A 15 -0.75 -14.01 -23.68
C ALA A 15 -0.29 -14.21 -22.23
N ILE A 16 -0.89 -13.46 -21.32
CA ILE A 16 -0.69 -13.73 -19.91
C ILE A 16 -2.00 -14.20 -19.30
N ALA A 17 -1.92 -15.28 -18.54
CA ALA A 17 -3.03 -15.78 -17.73
C ALA A 17 -2.58 -15.77 -16.30
N CYS A 18 -3.10 -14.85 -15.49
CA CYS A 18 -2.70 -14.72 -14.10
C CYS A 18 -3.65 -15.42 -13.16
N PHE A 19 -3.21 -16.53 -12.59
CA PHE A 19 -4.04 -17.29 -11.66
C PHE A 19 -3.81 -16.84 -10.21
N ALA A 20 -2.87 -15.90 -10.02
CA ALA A 20 -2.64 -15.25 -8.74
C ALA A 20 -3.72 -14.18 -8.55
N PRO A 21 -4.14 -13.97 -7.29
CA PRO A 21 -5.20 -12.96 -7.05
C PRO A 21 -4.70 -11.57 -7.43
N GLN A 22 -5.58 -10.76 -8.01
CA GLN A 22 -5.20 -9.43 -8.45
C GLN A 22 -4.67 -8.59 -7.30
N ARG A 23 -5.32 -8.69 -6.14
CA ARG A 23 -4.90 -7.90 -4.99
C ARG A 23 -3.49 -8.27 -4.51
N GLN A 24 -2.99 -9.43 -4.94
CA GLN A 24 -1.61 -9.78 -4.58
C GLN A 24 -0.61 -9.48 -5.72
N CYS A 25 -1.02 -9.79 -6.93
CA CYS A 25 -0.19 -9.53 -8.11
C CYS A 25 -0.99 -8.58 -9.00
N THR A 26 -0.79 -7.29 -8.80
CA THR A 26 -1.65 -6.29 -9.44
C THR A 26 -1.27 -6.03 -10.89
N GLU A 27 -2.06 -5.19 -11.54
CA GLU A 27 -1.80 -4.80 -12.92
C GLU A 27 -0.40 -4.21 -13.08
N VAL A 28 0.05 -3.39 -12.13
CA VAL A 28 1.35 -2.74 -12.27
C VAL A 28 2.49 -3.75 -12.09
N HIS A 29 2.24 -4.78 -11.28
CA HIS A 29 3.22 -5.85 -11.10
C HIS A 29 3.34 -6.56 -12.44
N LEU A 30 2.19 -6.90 -13.02
CA LEU A 30 2.16 -7.54 -14.34
C LEU A 30 2.89 -6.68 -15.39
N LYS A 31 2.59 -5.37 -15.41
CA LYS A 31 3.18 -4.48 -16.43
C LYS A 31 4.67 -4.35 -16.27
N SER A 32 5.13 -4.25 -15.02
CA SER A 32 6.53 -4.04 -14.74
C SER A 32 7.32 -5.32 -15.03
N PHE A 33 6.78 -6.45 -14.60
CA PHE A 33 7.39 -7.75 -14.90
C PHE A 33 7.55 -7.91 -16.41
N THR A 34 6.49 -7.55 -17.12
CA THR A 34 6.49 -7.71 -18.56
C THR A 34 7.58 -6.83 -19.18
N GLU A 35 7.70 -5.60 -18.71
CA GLU A 35 8.74 -4.68 -19.23
C GLU A 35 10.16 -5.20 -18.98
N GLN A 36 10.39 -5.74 -17.79
CA GLN A 36 11.72 -6.31 -17.48
C GLN A 36 12.01 -7.54 -18.35
N LEU A 37 10.98 -8.34 -18.60
CA LEU A 37 11.14 -9.50 -19.48
C LEU A 37 11.39 -9.08 -20.91
N ARG A 38 10.71 -8.03 -21.38
CA ARG A 38 10.91 -7.50 -22.73
C ARG A 38 12.38 -7.11 -22.92
N LYS A 39 12.93 -6.41 -21.95
CA LYS A 39 14.28 -5.89 -22.08
C LYS A 39 15.35 -6.98 -22.08
N ILE A 40 15.28 -7.92 -21.12
CA ILE A 40 16.28 -8.98 -21.07
C ILE A 40 16.15 -9.94 -22.27
N SER A 41 14.92 -10.28 -22.66
CA SER A 41 14.75 -11.16 -23.82
C SER A 41 15.29 -10.47 -25.07
N ARG A 42 15.03 -9.17 -25.20
CA ARG A 42 15.57 -8.37 -26.30
C ARG A 42 17.09 -8.44 -26.29
N ASP A 43 17.69 -8.18 -25.13
CA ASP A 43 19.15 -8.15 -25.03
C ASP A 43 19.79 -9.49 -25.36
N ALA A 44 19.11 -10.56 -24.99
CA ALA A 44 19.58 -11.92 -25.24
C ALA A 44 19.39 -12.38 -26.69
N GLY A 45 18.62 -11.62 -27.46
CA GLY A 45 18.37 -12.00 -28.85
C GLY A 45 17.20 -12.94 -29.05
N MET A 46 16.28 -12.97 -28.08
CA MET A 46 15.02 -13.69 -28.26
C MET A 46 13.88 -12.76 -27.85
N PRO A 47 13.68 -11.66 -28.60
CA PRO A 47 12.81 -10.57 -28.16
C PRO A 47 11.35 -10.99 -27.98
N ILE A 48 10.85 -10.83 -26.76
CA ILE A 48 9.43 -10.98 -26.46
C ILE A 48 8.84 -9.59 -26.52
N GLN A 49 7.88 -9.38 -27.42
CA GLN A 49 7.32 -8.05 -27.56
C GLN A 49 6.60 -7.62 -26.29
N GLY A 50 6.64 -6.32 -26.03
CA GLY A 50 6.19 -5.74 -24.77
C GLY A 50 4.70 -5.82 -24.53
N GLN A 51 3.93 -5.90 -25.60
CA GLN A 51 2.48 -5.91 -25.49
C GLN A 51 1.88 -7.31 -25.76
N PRO A 52 1.38 -7.96 -24.71
CA PRO A 52 0.70 -9.25 -24.91
C PRO A 52 -0.67 -9.06 -25.58
N CYS A 53 -1.11 -10.05 -26.34
CA CYS A 53 -2.39 -9.95 -27.06
C CYS A 53 -3.56 -10.07 -26.09
N PHE A 54 -3.28 -10.52 -24.87
CA PHE A 54 -4.33 -10.88 -23.92
C PHE A 54 -3.66 -10.86 -22.56
N CYS A 55 -4.35 -10.33 -21.56
CA CYS A 55 -3.84 -10.40 -20.20
C CYS A 55 -5.00 -10.37 -19.25
N LYS A 56 -5.31 -11.51 -18.64
CA LYS A 56 -6.45 -11.62 -17.73
C LYS A 56 -6.17 -12.44 -16.48
N TYR A 57 -6.90 -12.11 -15.42
CA TYR A 57 -6.90 -12.91 -14.21
C TYR A 57 -7.91 -14.05 -14.33
N ALA A 58 -7.58 -15.18 -13.73
CA ALA A 58 -8.50 -16.30 -13.64
C ALA A 58 -8.27 -16.97 -12.29
N GLN A 59 -9.25 -17.77 -11.87
CA GLN A 59 -9.16 -18.44 -10.58
C GLN A 59 -9.46 -19.91 -10.70
N GLY A 60 -8.53 -20.75 -10.28
CA GLY A 60 -8.82 -22.16 -10.10
C GLY A 60 -8.49 -22.99 -11.32
N ALA A 61 -8.11 -24.24 -11.07
CA ALA A 61 -7.68 -25.14 -12.14
C ALA A 61 -8.77 -25.33 -13.21
N ASP A 62 -10.04 -25.32 -12.82
CA ASP A 62 -11.13 -25.52 -13.78
C ASP A 62 -11.25 -24.38 -14.79
N SER A 63 -10.63 -23.24 -14.53
CA SER A 63 -10.72 -22.11 -15.45
C SER A 63 -9.69 -22.23 -16.57
N VAL A 64 -8.67 -23.04 -16.37
CA VAL A 64 -7.59 -23.21 -17.35
C VAL A 64 -8.08 -23.65 -18.72
N GLU A 65 -8.79 -24.78 -18.80
CA GLU A 65 -9.21 -25.28 -20.10
C GLU A 65 -10.14 -24.30 -20.87
N PRO A 66 -11.16 -23.75 -20.22
CA PRO A 66 -11.97 -22.77 -20.96
C PRO A 66 -11.14 -21.58 -21.48
N MET A 67 -10.18 -21.09 -20.68
CA MET A 67 -9.37 -19.94 -21.10
C MET A 67 -8.45 -20.29 -22.28
N PHE A 68 -7.80 -21.43 -22.20
CA PHE A 68 -6.87 -21.83 -23.25
C PHE A 68 -7.63 -22.11 -24.56
N ARG A 69 -8.80 -22.72 -24.46
CA ARG A 69 -9.62 -22.91 -25.65
C ARG A 69 -9.93 -21.56 -26.28
N HIS A 70 -10.41 -20.63 -25.45
CA HIS A 70 -10.70 -19.29 -25.91
C HIS A 70 -9.49 -18.62 -26.58
N LEU A 71 -8.29 -18.76 -25.99
CA LEU A 71 -7.11 -18.17 -26.58
C LEU A 71 -6.83 -18.77 -27.96
N LYS A 72 -6.86 -20.10 -28.03
CA LYS A 72 -6.64 -20.81 -29.29
C LYS A 72 -7.66 -20.35 -30.31
N ASN A 73 -8.90 -20.18 -29.87
CA ASN A 73 -9.98 -19.79 -30.78
C ASN A 73 -9.97 -18.32 -31.18
N THR A 74 -9.16 -17.51 -30.51
CA THR A 74 -9.26 -16.06 -30.69
C THR A 74 -8.02 -15.41 -31.33
N TYR A 75 -6.84 -15.89 -30.97
CA TYR A 75 -5.60 -15.27 -31.40
C TYR A 75 -4.82 -16.14 -32.37
N ALA A 76 -4.87 -15.82 -33.66
CA ALA A 76 -4.10 -16.59 -34.64
C ALA A 76 -2.61 -16.39 -34.41
N GLY A 77 -1.83 -17.44 -34.55
CA GLY A 77 -0.37 -17.32 -34.44
C GLY A 77 0.13 -17.14 -33.02
N LEU A 78 -0.76 -17.35 -32.06
CA LEU A 78 -0.40 -17.35 -30.65
C LEU A 78 0.79 -18.27 -30.45
N GLN A 79 1.87 -17.73 -29.89
CA GLN A 79 3.12 -18.50 -29.74
C GLN A 79 3.35 -19.02 -28.34
N LEU A 80 2.79 -18.33 -27.35
CA LEU A 80 3.11 -18.62 -25.95
C LEU A 80 2.06 -18.07 -24.99
N VAL A 81 1.74 -18.85 -23.97
CA VAL A 81 0.95 -18.36 -22.84
C VAL A 81 1.82 -18.41 -21.59
N VAL A 82 1.99 -17.25 -20.96
CA VAL A 82 2.74 -17.16 -19.70
C VAL A 82 1.72 -17.22 -18.59
N VAL A 83 1.90 -18.17 -17.69
CA VAL A 83 0.90 -18.45 -16.66
C VAL A 83 1.49 -18.12 -15.32
N ILE A 84 0.84 -17.22 -14.59
CA ILE A 84 1.35 -16.79 -13.29
C ILE A 84 0.70 -17.65 -12.21
N LEU A 85 1.51 -18.31 -11.37
CA LEU A 85 0.98 -19.20 -10.34
C LEU A 85 1.11 -18.63 -8.92
N PRO A 86 0.04 -18.77 -8.13
CA PRO A 86 0.11 -18.37 -6.72
C PRO A 86 0.63 -19.52 -5.85
N GLY A 87 1.95 -19.73 -5.88
CA GLY A 87 2.55 -20.80 -5.11
C GLY A 87 2.20 -22.16 -5.67
N LYS A 88 2.14 -23.16 -4.78
CA LYS A 88 1.89 -24.55 -5.16
C LYS A 88 0.39 -24.81 -5.25
N THR A 89 -0.09 -25.15 -6.43
CA THR A 89 -1.52 -25.43 -6.63
C THR A 89 -1.72 -26.41 -7.79
N PRO A 90 -2.91 -27.00 -7.86
CA PRO A 90 -3.31 -27.88 -8.96
C PRO A 90 -3.35 -27.12 -10.28
N VAL A 91 -3.26 -25.80 -10.25
CA VAL A 91 -3.30 -25.06 -11.50
C VAL A 91 -2.14 -25.49 -12.40
N TYR A 92 -0.98 -25.77 -11.81
CA TYR A 92 0.18 -26.13 -12.62
C TYR A 92 -0.04 -27.43 -13.41
N ALA A 93 -0.46 -28.49 -12.73
CA ALA A 93 -0.74 -29.75 -13.40
C ALA A 93 -1.75 -29.60 -14.53
N GLU A 94 -2.78 -28.79 -14.29
CA GLU A 94 -3.82 -28.60 -15.30
C GLU A 94 -3.31 -27.80 -16.50
N VAL A 95 -2.51 -26.77 -16.24
CA VAL A 95 -1.94 -25.99 -17.32
C VAL A 95 -1.18 -26.93 -18.25
N LYS A 96 -0.40 -27.82 -17.66
CA LYS A 96 0.37 -28.76 -18.47
C LYS A 96 -0.50 -29.79 -19.21
N ARG A 97 -1.55 -30.30 -18.55
CA ARG A 97 -2.47 -31.22 -19.22
C ARG A 97 -3.10 -30.59 -20.45
N VAL A 98 -3.59 -29.36 -20.29
CA VAL A 98 -4.32 -28.73 -21.38
C VAL A 98 -3.38 -28.23 -22.48
N GLY A 99 -2.28 -27.60 -22.08
CA GLY A 99 -1.31 -27.06 -23.02
C GLY A 99 -0.59 -28.14 -23.80
N ASP A 100 0.03 -29.07 -23.08
CA ASP A 100 0.85 -30.11 -23.69
C ASP A 100 0.06 -31.24 -24.34
N THR A 101 -1.06 -31.62 -23.73
CA THR A 101 -1.79 -32.80 -24.19
C THR A 101 -3.08 -32.53 -24.96
N VAL A 102 -3.89 -31.60 -24.48
CA VAL A 102 -5.17 -31.37 -25.14
C VAL A 102 -5.12 -30.43 -26.35
N LEU A 103 -4.47 -29.29 -26.20
CA LEU A 103 -4.55 -28.25 -27.23
C LEU A 103 -3.24 -28.04 -28.01
N GLY A 104 -2.15 -28.61 -27.53
CA GLY A 104 -0.86 -28.44 -28.17
C GLY A 104 -0.47 -26.97 -28.20
N MET A 105 -0.51 -26.35 -27.04
CA MET A 105 -0.21 -24.94 -26.86
C MET A 105 1.01 -24.76 -25.96
N ALA A 106 2.02 -24.03 -26.44
CA ALA A 106 3.20 -23.75 -25.63
C ALA A 106 2.83 -22.88 -24.41
N THR A 107 3.26 -23.30 -23.24
CA THR A 107 3.00 -22.53 -22.02
C THR A 107 4.26 -22.45 -21.21
N GLN A 108 4.39 -21.37 -20.45
CA GLN A 108 5.49 -21.22 -19.52
C GLN A 108 4.94 -20.63 -18.24
N CYS A 109 5.12 -21.36 -17.13
CA CYS A 109 4.64 -20.91 -15.83
C CYS A 109 5.72 -20.12 -15.11
N VAL A 110 5.30 -19.22 -14.24
CA VAL A 110 6.21 -18.44 -13.41
C VAL A 110 5.50 -18.19 -12.08
N GLN A 111 6.27 -18.15 -11.00
CA GLN A 111 5.70 -17.94 -9.67
C GLN A 111 5.38 -16.48 -9.42
N MET A 112 4.24 -16.25 -8.77
CA MET A 112 3.79 -14.92 -8.41
C MET A 112 4.87 -14.09 -7.72
N LYS A 113 5.67 -14.71 -6.85
CA LYS A 113 6.71 -13.97 -6.14
C LYS A 113 7.74 -13.38 -7.10
N ASN A 114 7.97 -14.06 -8.22
CA ASN A 114 8.95 -13.61 -9.23
C ASN A 114 8.37 -12.60 -10.22
N VAL A 115 7.07 -12.39 -10.14
CA VAL A 115 6.39 -11.34 -10.88
C VAL A 115 6.28 -10.08 -10.02
N GLN A 116 5.98 -10.27 -8.73
CA GLN A 116 5.87 -9.16 -7.81
C GLN A 116 7.22 -8.45 -7.68
N ARG A 117 8.28 -9.25 -7.58
CA ARG A 117 9.62 -8.71 -7.49
C ARG A 117 10.54 -9.54 -8.39
N THR A 118 11.00 -8.93 -9.48
CA THR A 118 11.86 -9.64 -10.40
C THR A 118 13.33 -9.50 -9.99
N THR A 119 14.16 -10.40 -10.51
CA THR A 119 15.61 -10.24 -10.47
C THR A 119 16.18 -10.65 -11.83
N PRO A 120 17.35 -10.13 -12.20
CA PRO A 120 17.92 -10.56 -13.46
C PRO A 120 18.03 -12.07 -13.53
N GLN A 121 18.44 -12.70 -12.43
CA GLN A 121 18.58 -14.15 -12.43
C GLN A 121 17.27 -14.91 -12.67
N THR A 122 16.16 -14.48 -12.07
CA THR A 122 14.90 -15.20 -12.25
C THR A 122 14.32 -14.95 -13.64
N LEU A 123 14.55 -13.74 -14.16
CA LEU A 123 14.11 -13.39 -15.51
C LEU A 123 14.90 -14.19 -16.54
N SER A 124 16.19 -14.36 -16.27
CA SER A 124 17.05 -15.21 -17.07
C SER A 124 16.59 -16.66 -17.06
N ASN A 125 16.27 -17.20 -15.88
CA ASN A 125 15.77 -18.57 -15.81
C ASN A 125 14.59 -18.73 -16.75
N LEU A 126 13.73 -17.72 -16.74
CA LEU A 126 12.50 -17.73 -17.54
C LEU A 126 12.79 -17.67 -19.04
N CYS A 127 13.70 -16.80 -19.45
CA CYS A 127 14.05 -16.73 -20.86
C CYS A 127 14.61 -18.04 -21.37
N LEU A 128 15.43 -18.69 -20.56
CA LEU A 128 16.05 -19.94 -20.97
C LEU A 128 15.02 -21.07 -21.13
N LYS A 129 14.10 -21.18 -20.17
CA LYS A 129 12.99 -22.13 -20.31
C LYS A 129 12.19 -21.83 -21.57
N ILE A 130 11.87 -20.55 -21.79
CA ILE A 130 11.12 -20.19 -23.00
C ILE A 130 11.90 -20.55 -24.25
N ASN A 131 13.21 -20.37 -24.19
CA ASN A 131 14.08 -20.58 -25.34
C ASN A 131 14.14 -22.05 -25.72
N VAL A 132 14.18 -22.92 -24.72
CA VAL A 132 14.16 -24.36 -24.94
C VAL A 132 12.84 -24.77 -25.57
N LYS A 133 11.74 -24.29 -24.99
CA LYS A 133 10.41 -24.63 -25.49
C LYS A 133 10.22 -24.25 -26.96
N LEU A 134 10.61 -23.03 -27.32
CA LEU A 134 10.32 -22.54 -28.66
C LEU A 134 11.48 -22.69 -29.66
N GLY A 135 12.61 -23.24 -29.20
CA GLY A 135 13.81 -23.26 -30.00
C GLY A 135 13.84 -24.37 -31.03
N ASN B 2 -0.73 -0.29 -26.23
CA ASN B 2 -0.65 0.30 -24.89
C ASN B 2 0.71 0.95 -24.67
N LYS B 3 0.76 1.98 -23.83
CA LYS B 3 1.99 2.75 -23.64
C LYS B 3 3.05 1.93 -22.90
N GLN B 4 4.31 2.09 -23.27
CA GLN B 4 5.38 1.33 -22.64
C GLN B 4 5.40 1.64 -21.15
N PHE B 5 5.80 0.65 -20.35
CA PHE B 5 5.99 0.86 -18.93
C PHE B 5 7.48 1.09 -18.72
N HIS B 6 7.83 1.95 -17.77
CA HIS B 6 9.23 2.25 -17.52
C HIS B 6 9.71 1.77 -16.15
N THR B 7 10.62 0.80 -16.16
CA THR B 7 11.22 0.30 -14.93
C THR B 7 12.61 0.88 -14.79
N GLY B 8 13.14 0.83 -13.58
CA GLY B 8 14.46 1.36 -13.29
C GLY B 8 14.46 2.87 -13.10
N ILE B 9 13.29 3.44 -12.85
CA ILE B 9 13.24 4.87 -12.58
C ILE B 9 13.18 5.13 -11.07
N GLU B 10 13.46 6.36 -10.66
CA GLU B 10 13.49 6.70 -9.24
C GLU B 10 12.81 8.05 -9.00
N ILE B 11 11.74 8.07 -8.22
CA ILE B 11 11.10 9.33 -7.90
C ILE B 11 11.60 9.74 -6.53
N LYS B 12 12.63 10.58 -6.52
CA LYS B 12 13.30 10.97 -5.29
C LYS B 12 12.66 12.20 -4.68
N VAL B 13 12.23 13.12 -5.54
CA VAL B 13 11.72 14.39 -5.07
C VAL B 13 10.28 14.62 -5.48
N TRP B 14 9.39 14.48 -4.52
CA TRP B 14 7.97 14.57 -4.81
C TRP B 14 7.23 15.19 -3.64
N ALA B 15 6.11 15.83 -3.94
CA ALA B 15 5.37 16.57 -2.95
C ALA B 15 3.91 16.15 -2.95
N ILE B 16 3.24 16.37 -1.84
CA ILE B 16 1.80 16.13 -1.74
C ILE B 16 1.10 17.45 -1.52
N ALA B 17 0.06 17.72 -2.29
CA ALA B 17 -0.81 18.86 -2.02
C ALA B 17 -2.22 18.32 -1.84
N CYS B 18 -2.77 18.52 -0.66
CA CYS B 18 -4.07 17.95 -0.32
C CYS B 18 -5.17 19.00 -0.33
N PHE B 19 -6.04 18.95 -1.33
CA PHE B 19 -7.11 19.92 -1.46
C PHE B 19 -8.40 19.44 -0.79
N ALA B 20 -8.32 18.30 -0.12
CA ALA B 20 -9.40 17.83 0.76
C ALA B 20 -9.03 18.23 2.19
N PRO B 21 -10.03 18.46 3.06
CA PRO B 21 -9.76 18.93 4.42
C PRO B 21 -8.94 17.96 5.27
N GLN B 22 -8.08 18.48 6.16
CA GLN B 22 -7.35 17.57 7.07
C GLN B 22 -8.30 16.69 7.88
N ARG B 23 -9.44 17.26 8.25
CA ARG B 23 -10.46 16.53 9.01
C ARG B 23 -10.78 15.19 8.37
N GLN B 24 -10.87 15.17 7.04
CA GLN B 24 -11.25 13.95 6.35
C GLN B 24 -10.02 13.12 5.95
N CYS B 25 -8.92 13.82 5.69
CA CYS B 25 -7.72 13.15 5.19
C CYS B 25 -6.56 13.53 6.11
N THR B 26 -6.41 12.77 7.19
CA THR B 26 -5.52 13.13 8.29
C THR B 26 -4.10 12.71 8.01
N GLU B 27 -3.21 13.12 8.90
CA GLU B 27 -1.81 12.76 8.79
C GLU B 27 -1.61 11.25 8.75
N VAL B 28 -2.41 10.51 9.53
CA VAL B 28 -2.21 9.08 9.57
C VAL B 28 -2.65 8.42 8.27
N HIS B 29 -3.66 9.01 7.62
CA HIS B 29 -4.09 8.55 6.31
C HIS B 29 -2.95 8.74 5.31
N LEU B 30 -2.36 9.93 5.35
CA LEU B 30 -1.31 10.30 4.40
C LEU B 30 -0.07 9.43 4.55
N LYS B 31 0.36 9.23 5.80
CA LYS B 31 1.57 8.47 6.06
C LYS B 31 1.38 6.99 5.73
N SER B 32 0.18 6.46 5.98
CA SER B 32 -0.08 5.07 5.66
C SER B 32 -0.08 4.86 4.14
N PHE B 33 -0.90 5.66 3.45
CA PHE B 33 -0.90 5.71 1.98
C PHE B 33 0.52 5.81 1.43
N THR B 34 1.26 6.78 1.95
CA THR B 34 2.61 7.01 1.49
C THR B 34 3.45 5.74 1.59
N GLU B 35 3.30 5.02 2.71
CA GLU B 35 4.08 3.80 2.94
C GLU B 35 3.67 2.66 2.02
N GLN B 36 2.37 2.49 1.81
CA GLN B 36 1.90 1.47 0.88
C GLN B 36 2.36 1.79 -0.55
N LEU B 37 2.39 3.08 -0.88
CA LEU B 37 2.79 3.50 -2.20
C LEU B 37 4.31 3.26 -2.40
N ARG B 38 5.08 3.49 -1.34
CA ARG B 38 6.52 3.20 -1.38
C ARG B 38 6.78 1.75 -1.75
N LYS B 39 6.09 0.84 -1.09
CA LYS B 39 6.31 -0.59 -1.29
C LYS B 39 5.98 -1.09 -2.69
N ILE B 40 4.78 -0.80 -3.16
CA ILE B 40 4.36 -1.28 -4.46
C ILE B 40 5.17 -0.62 -5.58
N SER B 41 5.40 0.70 -5.50
CA SER B 41 6.20 1.40 -6.50
C SER B 41 7.62 0.83 -6.55
N ARG B 42 8.15 0.43 -5.39
CA ARG B 42 9.46 -0.25 -5.36
C ARG B 42 9.38 -1.59 -6.10
N ASP B 43 8.40 -2.43 -5.71
CA ASP B 43 8.17 -3.73 -6.34
C ASP B 43 8.18 -3.59 -7.84
N ALA B 44 7.53 -2.54 -8.31
CA ALA B 44 7.25 -2.33 -9.72
C ALA B 44 8.38 -1.61 -10.47
N GLY B 45 9.53 -1.46 -9.83
CA GLY B 45 10.69 -0.87 -10.49
C GLY B 45 10.61 0.63 -10.74
N MET B 46 9.71 1.31 -10.04
CA MET B 46 9.58 2.76 -10.13
C MET B 46 9.50 3.35 -8.73
N PRO B 47 10.49 3.05 -7.89
CA PRO B 47 10.40 3.38 -6.46
C PRO B 47 10.12 4.86 -6.21
N ILE B 48 9.11 5.12 -5.38
CA ILE B 48 8.80 6.45 -4.93
C ILE B 48 9.30 6.53 -3.49
N GLN B 49 10.16 7.51 -3.22
CA GLN B 49 10.68 7.72 -1.87
C GLN B 49 9.56 7.80 -0.83
N GLY B 50 9.72 7.06 0.27
CA GLY B 50 8.74 7.09 1.34
C GLY B 50 8.58 8.44 2.01
N GLN B 51 9.39 9.41 1.60
CA GLN B 51 9.36 10.74 2.23
C GLN B 51 9.21 11.90 1.24
N PRO B 52 7.99 12.45 1.14
CA PRO B 52 7.74 13.62 0.29
C PRO B 52 8.55 14.83 0.77
N CYS B 53 8.85 15.75 -0.13
CA CYS B 53 9.64 16.93 0.24
C CYS B 53 8.75 18.05 0.77
N PHE B 54 7.44 17.84 0.69
CA PHE B 54 6.48 18.88 1.02
C PHE B 54 5.11 18.22 1.07
N CYS B 55 4.35 18.53 2.11
CA CYS B 55 3.02 17.97 2.29
C CYS B 55 2.15 19.00 2.99
N LYS B 56 1.24 19.61 2.25
CA LYS B 56 0.41 20.68 2.81
C LYS B 56 -1.01 20.68 2.27
N TYR B 57 -1.94 21.19 3.09
CA TYR B 57 -3.35 21.25 2.74
C TYR B 57 -3.64 22.61 2.13
N ALA B 58 -4.57 22.64 1.19
CA ALA B 58 -5.03 23.89 0.59
C ALA B 58 -6.49 23.75 0.20
N GLN B 59 -7.14 24.86 -0.11
CA GLN B 59 -8.54 24.84 -0.54
C GLN B 59 -8.75 25.80 -1.69
N GLY B 60 -9.50 25.34 -2.69
CA GLY B 60 -9.93 26.20 -3.78
C GLY B 60 -8.96 26.29 -4.94
N ALA B 61 -9.51 26.51 -6.12
CA ALA B 61 -8.71 26.62 -7.33
C ALA B 61 -7.68 27.72 -7.20
N ASP B 62 -8.08 28.84 -6.59
CA ASP B 62 -7.23 30.02 -6.48
C ASP B 62 -5.94 29.79 -5.67
N SER B 63 -5.85 28.67 -4.96
CA SER B 63 -4.66 28.40 -4.16
C SER B 63 -3.62 27.62 -4.96
N VAL B 64 -4.00 27.14 -6.13
CA VAL B 64 -3.14 26.26 -6.92
C VAL B 64 -1.90 26.98 -7.48
N GLU B 65 -2.12 28.01 -8.28
CA GLU B 65 -1.01 28.68 -8.94
C GLU B 65 0.04 29.20 -7.95
N PRO B 66 -0.40 29.99 -6.94
CA PRO B 66 0.53 30.42 -5.88
C PRO B 66 1.32 29.28 -5.27
N MET B 67 0.66 28.15 -4.99
CA MET B 67 1.35 27.03 -4.33
C MET B 67 2.32 26.29 -5.24
N PHE B 68 1.97 26.13 -6.51
CA PHE B 68 2.82 25.39 -7.44
C PHE B 68 4.06 26.22 -7.81
N ARG B 69 3.86 27.52 -8.06
CA ARG B 69 4.97 28.44 -8.26
C ARG B 69 5.94 28.32 -7.09
N HIS B 70 5.40 28.26 -5.87
CA HIS B 70 6.25 28.08 -4.70
C HIS B 70 7.03 26.78 -4.78
N LEU B 71 6.34 25.67 -5.04
CA LEU B 71 7.00 24.39 -5.16
C LEU B 71 8.11 24.43 -6.19
N LYS B 72 7.79 24.91 -7.39
CA LYS B 72 8.77 24.96 -8.47
C LYS B 72 9.97 25.80 -8.05
N ASN B 73 9.70 26.94 -7.42
CA ASN B 73 10.74 27.87 -7.03
C ASN B 73 11.56 27.47 -5.82
N THR B 74 11.13 26.45 -5.10
CA THR B 74 11.79 26.09 -3.83
C THR B 74 12.45 24.72 -3.87
N TYR B 75 11.86 23.82 -4.65
CA TYR B 75 12.32 22.43 -4.68
C TYR B 75 12.93 22.07 -6.03
N ALA B 76 14.25 22.19 -6.14
CA ALA B 76 14.94 21.89 -7.38
C ALA B 76 14.90 20.39 -7.65
N GLY B 77 14.68 20.01 -8.90
CA GLY B 77 14.66 18.60 -9.24
C GLY B 77 13.38 17.92 -8.79
N LEU B 78 12.40 18.73 -8.41
CA LEU B 78 11.06 18.23 -8.04
C LEU B 78 10.53 17.48 -9.24
N GLN B 79 10.08 16.24 -9.04
CA GLN B 79 9.68 15.36 -10.14
C GLN B 79 8.16 15.21 -10.32
N LEU B 80 7.40 15.42 -9.24
CA LEU B 80 5.98 15.09 -9.23
C LEU B 80 5.27 15.72 -8.04
N VAL B 81 4.07 16.24 -8.29
CA VAL B 81 3.18 16.67 -7.21
C VAL B 81 1.98 15.72 -7.17
N VAL B 82 1.78 15.02 -6.06
CA VAL B 82 0.62 14.15 -5.89
C VAL B 82 -0.47 15.06 -5.32
N VAL B 83 -1.57 15.17 -6.05
CA VAL B 83 -2.62 16.10 -5.70
C VAL B 83 -3.84 15.31 -5.21
N ILE B 84 -4.25 15.53 -3.97
CA ILE B 84 -5.38 14.78 -3.41
C ILE B 84 -6.64 15.62 -3.54
N LEU B 85 -7.65 15.06 -4.20
CA LEU B 85 -8.91 15.76 -4.41
C LEU B 85 -10.06 15.03 -3.70
N PRO B 86 -11.10 15.77 -3.31
CA PRO B 86 -12.26 15.14 -2.66
C PRO B 86 -13.28 14.54 -3.65
N GLY B 87 -13.02 14.69 -4.93
CA GLY B 87 -13.95 14.25 -5.96
C GLY B 87 -13.95 15.23 -7.12
N LYS B 88 -15.13 15.58 -7.65
CA LYS B 88 -15.22 16.59 -8.69
C LYS B 88 -14.99 17.97 -8.10
N THR B 89 -14.11 18.74 -8.72
CA THR B 89 -13.80 20.07 -8.24
C THR B 89 -13.09 20.88 -9.31
N PRO B 90 -13.33 22.20 -9.33
CA PRO B 90 -12.67 23.08 -10.29
C PRO B 90 -11.16 23.06 -10.06
N VAL B 91 -10.73 22.59 -8.89
CA VAL B 91 -9.30 22.48 -8.61
C VAL B 91 -8.60 21.60 -9.65
N TYR B 92 -9.30 20.56 -10.10
CA TYR B 92 -8.71 19.65 -11.08
C TYR B 92 -8.28 20.40 -12.35
N ALA B 93 -9.21 21.12 -12.97
CA ALA B 93 -8.88 21.90 -14.17
C ALA B 93 -7.76 22.91 -13.92
N GLU B 94 -7.74 23.49 -12.72
CA GLU B 94 -6.70 24.49 -12.41
C GLU B 94 -5.34 23.84 -12.22
N VAL B 95 -5.33 22.67 -11.58
CA VAL B 95 -4.09 21.93 -11.42
C VAL B 95 -3.49 21.62 -12.78
N LYS B 96 -4.33 21.11 -13.69
CA LYS B 96 -3.87 20.77 -15.03
C LYS B 96 -3.47 22.03 -15.78
N ARG B 97 -4.33 23.04 -15.73
CA ARG B 97 -4.02 24.34 -16.31
C ARG B 97 -2.64 24.84 -15.88
N VAL B 98 -2.41 24.92 -14.58
CA VAL B 98 -1.14 25.40 -14.04
C VAL B 98 0.03 24.46 -14.32
N GLY B 99 -0.10 23.19 -13.95
CA GLY B 99 0.95 22.20 -14.14
C GLY B 99 1.29 21.91 -15.60
N ASP B 100 0.29 21.74 -16.46
CA ASP B 100 0.53 21.39 -17.85
C ASP B 100 0.89 22.61 -18.69
N THR B 101 0.19 23.71 -18.46
CA THR B 101 0.31 24.87 -19.36
C THR B 101 1.17 26.03 -18.86
N VAL B 102 1.21 26.26 -17.55
CA VAL B 102 1.89 27.46 -17.05
C VAL B 102 3.31 27.19 -16.53
N LEU B 103 3.43 26.25 -15.61
CA LEU B 103 4.70 26.02 -14.93
C LEU B 103 5.47 24.81 -15.47
N GLY B 104 4.81 24.01 -16.30
CA GLY B 104 5.41 22.79 -16.83
C GLY B 104 5.85 21.86 -15.71
N MET B 105 4.89 21.46 -14.87
CA MET B 105 5.16 20.61 -13.71
C MET B 105 4.32 19.36 -13.78
N ALA B 106 4.95 18.19 -13.65
CA ALA B 106 4.19 16.95 -13.66
C ALA B 106 3.32 16.84 -12.41
N THR B 107 2.04 16.51 -12.59
CA THR B 107 1.13 16.34 -11.47
C THR B 107 0.35 15.03 -11.64
N GLN B 108 0.05 14.37 -10.53
CA GLN B 108 -0.86 13.21 -10.53
C GLN B 108 -1.92 13.34 -9.45
N CYS B 109 -3.18 13.45 -9.88
CA CYS B 109 -4.29 13.55 -8.95
C CYS B 109 -4.71 12.19 -8.40
N VAL B 110 -5.19 12.17 -7.16
CA VAL B 110 -5.69 10.95 -6.55
C VAL B 110 -6.92 11.27 -5.71
N GLN B 111 -7.90 10.37 -5.69
CA GLN B 111 -9.11 10.62 -4.92
C GLN B 111 -8.87 10.36 -3.44
N MET B 112 -9.37 11.28 -2.60
CA MET B 112 -9.15 11.21 -1.16
C MET B 112 -9.57 9.86 -0.56
N LYS B 113 -10.65 9.29 -1.07
CA LYS B 113 -11.12 8.02 -0.52
C LYS B 113 -10.09 6.89 -0.73
N ASN B 114 -9.31 6.99 -1.80
CA ASN B 114 -8.29 5.99 -2.06
C ASN B 114 -7.00 6.23 -1.26
N VAL B 115 -6.96 7.37 -0.56
CA VAL B 115 -5.88 7.68 0.38
C VAL B 115 -6.30 7.31 1.81
N GLN B 116 -7.59 7.38 2.08
CA GLN B 116 -8.14 7.04 3.40
C GLN B 116 -8.05 5.54 3.65
N ARG B 117 -8.41 4.77 2.64
CA ARG B 117 -8.26 3.33 2.65
C ARG B 117 -7.66 3.01 1.30
N THR B 118 -6.48 2.38 1.30
CA THR B 118 -5.86 1.96 0.06
C THR B 118 -6.21 0.50 -0.23
N THR B 119 -6.09 0.11 -1.49
CA THR B 119 -6.14 -1.29 -1.91
C THR B 119 -4.98 -1.48 -2.88
N PRO B 120 -4.45 -2.71 -2.97
CA PRO B 120 -3.38 -2.86 -3.97
C PRO B 120 -3.84 -2.43 -5.37
N GLN B 121 -5.11 -2.62 -5.68
CA GLN B 121 -5.61 -2.25 -7.01
C GLN B 121 -5.59 -0.75 -7.26
N THR B 122 -5.98 0.05 -6.28
CA THR B 122 -5.97 1.50 -6.50
C THR B 122 -4.55 2.08 -6.41
N LEU B 123 -3.68 1.47 -5.61
CA LEU B 123 -2.28 1.91 -5.60
C LEU B 123 -1.66 1.60 -6.96
N SER B 124 -2.00 0.42 -7.48
CA SER B 124 -1.52 0.00 -8.79
C SER B 124 -2.02 0.93 -9.89
N ASN B 125 -3.31 1.27 -9.86
CA ASN B 125 -3.86 2.28 -10.78
C ASN B 125 -3.01 3.54 -10.79
N LEU B 126 -2.71 4.03 -9.58
CA LEU B 126 -1.99 5.28 -9.41
C LEU B 126 -0.56 5.19 -9.97
N CYS B 127 0.14 4.10 -9.67
CA CYS B 127 1.51 3.89 -10.17
C CYS B 127 1.56 3.86 -11.69
N LEU B 128 0.54 3.29 -12.32
CA LEU B 128 0.53 3.20 -13.78
C LEU B 128 0.40 4.59 -14.41
N LYS B 129 -0.46 5.41 -13.83
CA LYS B 129 -0.67 6.77 -14.29
C LYS B 129 0.57 7.63 -14.05
N ILE B 130 1.20 7.43 -12.90
CA ILE B 130 2.44 8.14 -12.60
C ILE B 130 3.51 7.73 -13.59
N ASN B 131 3.54 6.44 -13.92
CA ASN B 131 4.59 5.93 -14.78
C ASN B 131 4.52 6.51 -16.20
N VAL B 132 3.32 6.67 -16.73
CA VAL B 132 3.18 7.26 -18.06
C VAL B 132 3.60 8.73 -18.04
N LYS B 133 3.30 9.42 -16.95
CA LYS B 133 3.61 10.85 -16.82
C LYS B 133 5.10 11.16 -16.63
N LEU B 134 5.83 10.23 -16.04
CA LEU B 134 7.22 10.49 -15.70
C LEU B 134 8.20 9.71 -16.57
N GLY B 135 7.70 8.69 -17.25
CA GLY B 135 8.56 7.76 -17.96
C GLY B 135 8.99 8.18 -19.35
N LYS C 3 10.37 8.66 10.86
CA LYS C 3 8.97 8.74 11.27
C LYS C 3 8.02 8.27 10.16
N GLN C 4 8.51 7.34 9.33
CA GLN C 4 7.66 6.71 8.34
C GLN C 4 6.75 5.66 9.00
N PHE C 5 5.60 5.43 8.40
CA PHE C 5 4.58 4.54 8.93
C PHE C 5 5.04 3.09 8.87
N HIS C 6 4.76 2.32 9.93
CA HIS C 6 5.07 0.88 9.93
C HIS C 6 3.82 0.06 9.60
N THR C 7 3.98 -0.86 8.65
CA THR C 7 2.92 -1.73 8.16
C THR C 7 2.87 -3.00 8.99
N GLY C 8 1.76 -3.74 8.91
CA GLY C 8 1.67 -5.07 9.51
C GLY C 8 1.49 -5.13 11.02
N ILE C 9 1.28 -3.98 11.64
CA ILE C 9 0.94 -3.96 13.05
C ILE C 9 -0.53 -4.36 13.20
N GLU C 10 -0.80 -5.27 14.12
CA GLU C 10 -2.17 -5.62 14.49
C GLU C 10 -2.22 -5.68 16.00
N ILE C 11 -3.05 -4.85 16.60
CA ILE C 11 -3.16 -4.81 18.06
C ILE C 11 -4.38 -5.60 18.51
N LYS C 12 -4.13 -6.83 18.98
CA LYS C 12 -5.19 -7.74 19.35
C LYS C 12 -5.45 -7.68 20.85
N VAL C 13 -4.38 -7.61 21.65
CA VAL C 13 -4.54 -7.58 23.10
C VAL C 13 -4.11 -6.22 23.64
N TRP C 14 -5.10 -5.44 24.07
CA TRP C 14 -4.83 -4.11 24.58
C TRP C 14 -5.84 -3.74 25.65
N ALA C 15 -5.47 -2.78 26.49
CA ALA C 15 -6.22 -2.47 27.69
C ALA C 15 -6.42 -0.97 27.85
N ILE C 16 -7.51 -0.59 28.50
CA ILE C 16 -7.74 0.81 28.82
C ILE C 16 -7.64 0.99 30.33
N ALA C 17 -6.81 1.94 30.75
CA ALA C 17 -6.74 2.32 32.16
C ALA C 17 -7.16 3.78 32.21
N CYS C 18 -8.36 4.04 32.70
CA CYS C 18 -8.87 5.40 32.65
C CYS C 18 -8.64 6.11 33.98
N PHE C 19 -7.70 7.04 34.00
CA PHE C 19 -7.43 7.80 35.22
C PHE C 19 -8.29 9.06 35.30
N ALA C 20 -9.11 9.29 34.28
CA ALA C 20 -10.06 10.39 34.36
C ALA C 20 -11.26 9.91 35.17
N PRO C 21 -11.89 10.82 35.93
CA PRO C 21 -13.05 10.46 36.73
C PRO C 21 -14.17 9.92 35.86
N GLN C 22 -14.77 8.79 36.27
CA GLN C 22 -15.89 8.21 35.54
C GLN C 22 -17.02 9.20 35.28
N ARG C 23 -17.29 10.05 36.26
CA ARG C 23 -18.41 10.97 36.11
C ARG C 23 -18.16 11.90 34.93
N GLN C 24 -16.89 12.07 34.57
CA GLN C 24 -16.54 12.95 33.46
C GLN C 24 -16.31 12.19 32.16
N CYS C 25 -15.85 10.95 32.26
CA CYS C 25 -15.51 10.16 31.08
C CYS C 25 -16.13 8.79 31.27
N THR C 26 -17.42 8.69 30.95
CA THR C 26 -18.22 7.51 31.23
C THR C 26 -17.90 6.37 30.29
N GLU C 27 -18.45 5.22 30.61
CA GLU C 27 -18.22 4.02 29.85
C GLU C 27 -18.71 4.20 28.40
N VAL C 28 -19.81 4.92 28.22
CA VAL C 28 -20.28 5.11 26.86
C VAL C 28 -19.31 6.02 26.08
N HIS C 29 -18.65 6.94 26.77
CA HIS C 29 -17.61 7.75 26.10
C HIS C 29 -16.44 6.87 25.68
N LEU C 30 -16.01 6.01 26.59
CA LEU C 30 -14.91 5.10 26.31
C LEU C 30 -15.22 4.17 25.15
N LYS C 31 -16.43 3.62 25.13
CA LYS C 31 -16.78 2.66 24.09
C LYS C 31 -16.90 3.32 22.72
N SER C 32 -17.42 4.54 22.71
CA SER C 32 -17.60 5.28 21.47
C SER C 32 -16.24 5.68 20.92
N PHE C 33 -15.39 6.16 21.82
CA PHE C 33 -14.02 6.49 21.47
C PHE C 33 -13.31 5.26 20.89
N THR C 34 -13.48 4.11 21.54
CA THR C 34 -12.83 2.89 21.10
C THR C 34 -13.27 2.54 19.68
N GLU C 35 -14.58 2.61 19.44
CA GLU C 35 -15.12 2.28 18.14
C GLU C 35 -14.55 3.18 17.03
N GLN C 36 -14.38 4.46 17.32
CA GLN C 36 -13.79 5.39 16.34
C GLN C 36 -12.31 5.10 16.13
N LEU C 37 -11.61 4.82 17.22
CA LEU C 37 -10.18 4.46 17.12
C LEU C 37 -10.06 3.19 16.29
N ARG C 38 -10.96 2.24 16.55
CA ARG C 38 -11.00 0.99 15.81
C ARG C 38 -11.06 1.23 14.30
N LYS C 39 -11.97 2.11 13.90
CA LYS C 39 -12.20 2.40 12.49
C LYS C 39 -11.01 3.05 11.82
N ILE C 40 -10.52 4.17 12.35
CA ILE C 40 -9.40 4.85 11.70
C ILE C 40 -8.14 3.98 11.68
N SER C 41 -7.89 3.21 12.74
CA SER C 41 -6.70 2.37 12.79
C SER C 41 -6.77 1.25 11.74
N ARG C 42 -7.94 0.68 11.57
CA ARG C 42 -8.21 -0.28 10.51
C ARG C 42 -7.93 0.36 9.15
N ASP C 43 -8.54 1.51 8.89
CA ASP C 43 -8.37 2.18 7.60
C ASP C 43 -6.89 2.43 7.27
N ALA C 44 -6.11 2.72 8.31
CA ALA C 44 -4.70 3.02 8.14
C ALA C 44 -3.81 1.78 8.17
N GLY C 45 -4.40 0.60 8.21
CA GLY C 45 -3.62 -0.63 8.20
C GLY C 45 -2.81 -0.89 9.45
N MET C 46 -3.27 -0.33 10.56
CA MET C 46 -2.67 -0.55 11.86
C MET C 46 -3.87 -0.78 12.75
N PRO C 47 -4.55 -1.89 12.52
CA PRO C 47 -5.81 -2.17 13.22
C PRO C 47 -5.67 -2.39 14.72
N ILE C 48 -6.57 -1.76 15.46
CA ILE C 48 -6.73 -2.02 16.87
C ILE C 48 -8.07 -2.72 17.02
N GLN C 49 -8.06 -3.95 17.50
CA GLN C 49 -9.29 -4.71 17.60
C GLN C 49 -10.28 -4.01 18.55
N GLY C 50 -11.57 -4.13 18.21
CA GLY C 50 -12.61 -3.36 18.86
C GLY C 50 -12.78 -3.60 20.35
N GLN C 51 -12.32 -4.75 20.82
CA GLN C 51 -12.59 -5.12 22.22
C GLN C 51 -11.33 -5.19 23.09
N PRO C 52 -11.12 -4.19 23.96
CA PRO C 52 -9.95 -4.27 24.86
C PRO C 52 -10.15 -5.42 25.83
N CYS C 53 -9.08 -6.05 26.29
CA CYS C 53 -9.17 -7.17 27.23
C CYS C 53 -9.55 -6.72 28.65
N PHE C 54 -9.48 -5.42 28.89
CA PHE C 54 -9.62 -4.85 30.23
C PHE C 54 -9.91 -3.37 30.07
N CYS C 55 -10.86 -2.87 30.85
CA CYS C 55 -11.17 -1.45 30.84
C CYS C 55 -11.69 -1.09 32.23
N LYS C 56 -10.89 -0.37 33.00
CA LYS C 56 -11.29 0.03 34.34
C LYS C 56 -10.83 1.43 34.72
N TYR C 57 -11.52 2.02 35.69
CA TYR C 57 -11.17 3.33 36.20
C TYR C 57 -10.22 3.20 37.39
N ALA C 58 -9.32 4.16 37.50
CA ALA C 58 -8.47 4.28 38.69
C ALA C 58 -8.28 5.76 38.96
N GLN C 59 -7.83 6.09 40.17
CA GLN C 59 -7.64 7.48 40.54
C GLN C 59 -6.30 7.68 41.27
N GLY C 60 -5.47 8.58 40.75
CA GLY C 60 -4.23 8.97 41.39
C GLY C 60 -3.00 8.25 40.88
N ALA C 61 -1.87 8.94 40.92
CA ALA C 61 -0.61 8.34 40.49
C ALA C 61 -0.34 7.05 41.27
N ASP C 62 -0.76 7.02 42.54
CA ASP C 62 -0.46 5.88 43.39
C ASP C 62 -1.19 4.60 42.97
N SER C 63 -2.19 4.72 42.09
CA SER C 63 -2.90 3.54 41.60
C SER C 63 -2.24 2.91 40.39
N VAL C 64 -1.35 3.66 39.76
CA VAL C 64 -0.70 3.22 38.51
C VAL C 64 -0.01 1.88 38.66
N GLU C 65 0.99 1.78 39.55
CA GLU C 65 1.78 0.56 39.63
C GLU C 65 0.95 -0.70 39.94
N PRO C 66 0.08 -0.66 40.96
CA PRO C 66 -0.75 -1.84 41.26
C PRO C 66 -1.56 -2.31 40.06
N MET C 67 -2.14 -1.36 39.33
CA MET C 67 -2.98 -1.73 38.17
C MET C 67 -2.14 -2.32 37.02
N PHE C 68 -1.00 -1.69 36.72
CA PHE C 68 -0.17 -2.17 35.63
C PHE C 68 0.40 -3.55 35.94
N ARG C 69 0.77 -3.78 37.21
CA ARG C 69 1.26 -5.10 37.62
C ARG C 69 0.18 -6.16 37.42
N HIS C 70 -1.03 -5.83 37.83
CA HIS C 70 -2.17 -6.72 37.59
C HIS C 70 -2.34 -6.98 36.10
N LEU C 71 -2.27 -5.92 35.29
CA LEU C 71 -2.47 -6.11 33.84
C LEU C 71 -1.42 -7.04 33.26
N LYS C 72 -0.15 -6.76 33.55
CA LYS C 72 0.97 -7.57 33.06
C LYS C 72 0.85 -9.03 33.48
N ASN C 73 0.46 -9.25 34.73
CA ASN C 73 0.36 -10.60 35.28
C ASN C 73 -0.86 -11.37 34.77
N THR C 74 -1.88 -10.66 34.29
CA THR C 74 -3.15 -11.31 33.99
C THR C 74 -3.38 -11.57 32.49
N TYR C 75 -2.89 -10.67 31.63
CA TYR C 75 -3.10 -10.81 30.20
C TYR C 75 -1.85 -11.14 29.43
N ALA C 76 -1.61 -12.43 29.22
CA ALA C 76 -0.50 -12.86 28.37
C ALA C 76 -0.75 -12.36 26.96
N GLY C 77 0.26 -11.76 26.34
CA GLY C 77 0.13 -11.24 25.00
C GLY C 77 -0.29 -9.79 24.96
N LEU C 78 -0.44 -9.18 26.15
CA LEU C 78 -0.76 -7.76 26.26
C LEU C 78 0.21 -6.93 25.43
N GLN C 79 -0.31 -6.17 24.47
CA GLN C 79 0.54 -5.37 23.59
C GLN C 79 0.63 -3.90 23.96
N LEU C 80 -0.42 -3.38 24.61
CA LEU C 80 -0.53 -1.94 24.83
C LEU C 80 -1.50 -1.63 25.95
N VAL C 81 -1.18 -0.61 26.75
CA VAL C 81 -2.16 -0.06 27.66
C VAL C 81 -2.40 1.38 27.24
N VAL C 82 -3.66 1.69 26.92
CA VAL C 82 -4.06 3.04 26.55
C VAL C 82 -4.53 3.72 27.81
N VAL C 83 -3.85 4.79 28.18
CA VAL C 83 -4.09 5.43 29.46
C VAL C 83 -4.75 6.76 29.24
N ILE C 84 -5.90 6.97 29.88
CA ILE C 84 -6.61 8.22 29.73
C ILE C 84 -6.27 9.12 30.90
N LEU C 85 -5.80 10.35 30.61
CA LEU C 85 -5.32 11.28 31.64
C LEU C 85 -6.30 12.41 31.93
N PRO C 86 -6.51 12.74 33.22
CA PRO C 86 -7.36 13.87 33.60
C PRO C 86 -6.59 15.18 33.56
N GLY C 87 -6.22 15.65 32.37
CA GLY C 87 -5.46 16.87 32.27
C GLY C 87 -4.00 16.70 32.71
N LYS C 88 -3.42 17.76 33.24
CA LYS C 88 -2.02 17.73 33.68
C LYS C 88 -1.90 17.38 35.16
N THR C 89 -1.42 16.16 35.42
CA THR C 89 -1.25 15.67 36.79
C THR C 89 -0.03 14.77 36.83
N PRO C 90 0.39 14.36 38.02
CA PRO C 90 1.52 13.44 38.13
C PRO C 90 1.25 12.06 37.57
N VAL C 91 0.02 11.77 37.15
CA VAL C 91 -0.23 10.45 36.61
C VAL C 91 0.69 10.17 35.42
N TYR C 92 0.84 11.13 34.52
CA TYR C 92 1.64 10.87 33.31
C TYR C 92 3.07 10.40 33.67
N ALA C 93 3.73 11.09 34.59
CA ALA C 93 5.11 10.73 34.92
C ALA C 93 5.17 9.33 35.54
N GLU C 94 4.20 9.01 36.39
CA GLU C 94 4.18 7.72 37.05
C GLU C 94 3.94 6.63 36.01
N VAL C 95 2.98 6.88 35.10
CA VAL C 95 2.70 5.94 34.04
C VAL C 95 3.98 5.58 33.29
N LYS C 96 4.76 6.59 32.96
CA LYS C 96 5.99 6.36 32.23
C LYS C 96 7.06 5.66 33.09
N ARG C 97 7.20 6.07 34.35
CA ARG C 97 8.13 5.39 35.26
C ARG C 97 7.81 3.91 35.37
N VAL C 98 6.52 3.60 35.58
CA VAL C 98 6.13 2.20 35.77
C VAL C 98 6.21 1.42 34.46
N GLY C 99 5.70 2.01 33.40
CA GLY C 99 5.68 1.33 32.11
C GLY C 99 7.07 1.12 31.52
N ASP C 100 7.87 2.18 31.46
CA ASP C 100 9.18 2.12 30.83
C ASP C 100 10.29 1.50 31.71
N THR C 101 10.22 1.75 33.02
CA THR C 101 11.34 1.40 33.92
C THR C 101 11.07 0.24 34.87
N VAL C 102 9.87 0.19 35.44
CA VAL C 102 9.54 -0.88 36.37
C VAL C 102 9.08 -2.17 35.69
N LEU C 103 8.10 -2.06 34.80
CA LEU C 103 7.46 -3.24 34.20
C LEU C 103 7.82 -3.54 32.76
N GLY C 104 8.36 -2.54 32.05
CA GLY C 104 8.70 -2.74 30.64
C GLY C 104 7.46 -3.05 29.81
N MET C 105 6.42 -2.27 30.01
CA MET C 105 5.15 -2.41 29.28
C MET C 105 4.92 -1.19 28.40
N ALA C 106 4.54 -1.41 27.15
CA ALA C 106 4.23 -0.29 26.27
C ALA C 106 2.94 0.38 26.72
N THR C 107 2.97 1.70 26.79
CA THR C 107 1.81 2.49 27.17
C THR C 107 1.64 3.65 26.21
N GLN C 108 0.39 4.09 26.02
CA GLN C 108 0.10 5.27 25.21
C GLN C 108 -0.94 6.15 25.92
N CYS C 109 -0.57 7.37 26.27
CA CYS C 109 -1.48 8.26 26.98
C CYS C 109 -2.35 9.07 26.03
N VAL C 110 -3.55 9.41 26.48
CA VAL C 110 -4.44 10.26 25.70
C VAL C 110 -5.17 11.20 26.66
N GLN C 111 -5.30 12.46 26.28
CA GLN C 111 -5.98 13.40 27.16
C GLN C 111 -7.50 13.12 27.20
N MET C 112 -8.06 13.18 28.40
CA MET C 112 -9.49 12.95 28.63
C MET C 112 -10.41 13.66 27.64
N LYS C 113 -10.07 14.91 27.31
CA LYS C 113 -10.94 15.68 26.42
C LYS C 113 -10.97 15.12 25.00
N ASN C 114 -9.93 14.37 24.62
CA ASN C 114 -9.88 13.77 23.29
C ASN C 114 -10.57 12.44 23.25
N VAL C 115 -11.05 12.02 24.41
CA VAL C 115 -11.84 10.80 24.52
C VAL C 115 -13.29 11.19 24.64
N GLN C 116 -13.53 12.32 25.29
CA GLN C 116 -14.87 12.85 25.45
C GLN C 116 -15.43 13.32 24.12
N ARG C 117 -14.61 14.00 23.35
CA ARG C 117 -14.99 14.40 22.00
C ARG C 117 -13.82 14.06 21.08
N THR C 118 -13.94 12.97 20.33
CA THR C 118 -12.89 12.62 19.38
C THR C 118 -13.01 13.48 18.13
N THR C 119 -11.89 13.66 17.43
CA THR C 119 -11.84 14.20 16.07
C THR C 119 -10.88 13.35 15.28
N PRO C 120 -11.04 13.32 13.95
CA PRO C 120 -10.08 12.59 13.11
C PRO C 120 -8.63 12.96 13.41
N GLN C 121 -8.37 14.26 13.54
CA GLN C 121 -6.99 14.70 13.77
C GLN C 121 -6.37 14.15 15.06
N THR C 122 -7.13 14.16 16.16
CA THR C 122 -6.61 13.66 17.42
C THR C 122 -6.48 12.15 17.42
N LEU C 123 -7.44 11.46 16.81
CA LEU C 123 -7.33 10.01 16.63
C LEU C 123 -6.10 9.70 15.77
N SER C 124 -5.91 10.48 14.72
CA SER C 124 -4.71 10.32 13.89
C SER C 124 -3.44 10.50 14.72
N ASN C 125 -3.34 11.58 15.49
CA ASN C 125 -2.18 11.80 16.35
C ASN C 125 -1.91 10.54 17.16
N LEU C 126 -2.97 10.05 17.80
CA LEU C 126 -2.89 8.87 18.66
C LEU C 126 -2.39 7.63 17.91
N CYS C 127 -2.94 7.37 16.73
CA CYS C 127 -2.51 6.22 15.93
C CYS C 127 -1.03 6.30 15.55
N LEU C 128 -0.58 7.50 15.21
CA LEU C 128 0.80 7.69 14.82
C LEU C 128 1.73 7.42 15.99
N LYS C 129 1.41 7.98 17.16
CA LYS C 129 2.16 7.69 18.36
C LYS C 129 2.26 6.20 18.63
N ILE C 130 1.14 5.50 18.51
CA ILE C 130 1.14 4.06 18.72
C ILE C 130 2.02 3.36 17.69
N ASN C 131 1.93 3.80 16.44
CA ASN C 131 2.65 3.14 15.36
C ASN C 131 4.15 3.17 15.64
N VAL C 132 4.64 4.33 16.05
CA VAL C 132 6.03 4.51 16.43
C VAL C 132 6.43 3.54 17.55
N LYS C 133 5.58 3.39 18.55
CA LYS C 133 5.88 2.53 19.69
C LYS C 133 5.94 1.05 19.33
N LEU C 134 4.91 0.58 18.64
CA LEU C 134 4.81 -0.84 18.35
C LEU C 134 5.46 -1.22 17.02
N GLY C 135 5.93 -0.23 16.28
CA GLY C 135 6.45 -0.49 14.94
C GLY C 135 7.95 -0.65 14.93
#